data_1SAY
#
_entry.id   1SAY
#
_cell.length_a   122.400
_cell.length_b   122.400
_cell.length_c   183.000
_cell.angle_alpha   90.00
_cell.angle_beta   90.00
_cell.angle_gamma   120.00
#
_symmetry.space_group_name_H-M   'H 3 2'
#
loop_
_entity.id
_entity.type
_entity.pdbx_description
1 polymer 'L-ALANINE DEHYDROGENASE'
2 non-polymer 'PYRUVIC ACID'
3 water water
#
_entity_poly.entity_id   1
_entity_poly.type   'polypeptide(L)'
_entity_poly.pdbx_seq_one_letter_code
;MEIGVPKEIKNQEFRVGLSPSSVRTLVEAGHTVFIETQAGIGAGFADQDYVQAGAQVVPSAKDAWSREMVVKVKEPLPAE
YDLMQKDQLLFTYLHLAAARELTEQLMRVGLTAIAYETVELPNRSLPLLTPMSIIAGRLSVQFGARFLERQQGGRGVLLG
GVPGVKPGKVVILGGGVVGTEAAKMAVGLGAQVQIFDINVERLSYLETLFGSRVELLYSNSAEIETAVAEADLLIGAVLV
PGRRAPILVPASLVEQMRTGSVIVDVAVDQGGCVETLHPTSHTQPTYEVFGVVHYGVPNMPGAVPWTATQALNNSTLPYV
VKLANQGLKALETDDALAKGLNVQAHRLVHPAVQQVFPDLA
;
_entity_poly.pdbx_strand_id   A
#
loop_
_chem_comp.id
_chem_comp.type
_chem_comp.name
_chem_comp.formula
PYR non-polymer 'PYRUVIC ACID' 'C3 H4 O3'
#
# COMPACT_ATOMS: atom_id res chain seq x y z
N MET A 1 -24.05 -9.43 13.00
CA MET A 1 -23.00 -9.48 14.02
C MET A 1 -22.61 -8.09 14.46
N GLU A 2 -21.90 -7.99 15.56
CA GLU A 2 -21.44 -6.67 16.00
C GLU A 2 -20.05 -6.49 15.46
N ILE A 3 -19.84 -5.35 14.82
CA ILE A 3 -18.57 -5.02 14.22
C ILE A 3 -18.13 -3.68 14.78
N GLY A 4 -16.88 -3.60 15.19
CA GLY A 4 -16.35 -2.36 15.75
C GLY A 4 -15.25 -1.76 14.87
N VAL A 5 -15.19 -0.45 14.86
CA VAL A 5 -14.18 0.22 14.10
C VAL A 5 -13.52 1.27 15.00
N PRO A 6 -12.35 0.93 15.52
CA PRO A 6 -11.60 1.86 16.35
C PRO A 6 -10.91 2.90 15.45
N LYS A 7 -10.54 4.03 16.03
CA LYS A 7 -9.80 5.01 15.31
C LYS A 7 -8.32 4.51 15.13
N GLU A 8 -7.75 4.70 13.94
CA GLU A 8 -6.35 4.28 13.71
C GLU A 8 -5.46 5.17 14.58
N ILE A 9 -4.54 4.58 15.29
CA ILE A 9 -3.69 5.38 16.16
C ILE A 9 -2.28 5.44 15.68
N LYS A 10 -1.94 4.64 14.68
CA LYS A 10 -0.59 4.69 14.16
C LYS A 10 -0.25 6.10 13.64
N ASN A 11 0.99 6.52 13.82
CA ASN A 11 1.36 7.86 13.43
C ASN A 11 1.16 8.15 11.94
N GLN A 12 0.42 9.22 11.64
CA GLN A 12 0.23 9.60 10.26
C GLN A 12 -0.71 8.68 9.46
N GLU A 13 -1.45 7.85 10.17
CA GLU A 13 -2.42 6.96 9.54
C GLU A 13 -3.74 7.69 9.66
N PHE A 14 -4.33 8.01 8.53
CA PHE A 14 -5.63 8.71 8.50
C PHE A 14 -6.74 7.95 7.89
N ARG A 15 -6.45 6.75 7.41
CA ARG A 15 -7.50 5.99 6.83
C ARG A 15 -8.37 5.40 7.93
N VAL A 16 -9.47 4.76 7.55
CA VAL A 16 -10.37 4.16 8.54
C VAL A 16 -10.86 2.80 8.01
N GLY A 17 -11.08 1.86 8.91
CA GLY A 17 -11.50 0.51 8.51
C GLY A 17 -12.74 0.43 7.60
N LEU A 18 -13.74 1.26 7.88
CA LEU A 18 -14.97 1.24 7.06
C LEU A 18 -15.44 2.62 6.80
N SER A 19 -15.87 2.85 5.57
CA SER A 19 -16.39 4.13 5.20
C SER A 19 -17.89 4.10 5.49
N PRO A 20 -18.53 5.25 5.42
CA PRO A 20 -19.96 5.34 5.66
C PRO A 20 -20.78 4.48 4.70
N SER A 21 -20.39 4.44 3.44
CA SER A 21 -21.11 3.61 2.47
C SER A 21 -21.03 2.15 2.84
N SER A 22 -19.89 1.75 3.36
CA SER A 22 -19.70 0.36 3.74
C SER A 22 -20.56 0.05 4.93
N VAL A 23 -20.56 0.96 5.86
CA VAL A 23 -21.35 0.78 7.03
C VAL A 23 -22.80 0.53 6.63
N ARG A 24 -23.31 1.40 5.77
CA ARG A 24 -24.68 1.33 5.34
C ARG A 24 -25.04 -0.02 4.79
N THR A 25 -24.13 -0.60 4.01
CA THR A 25 -24.34 -1.94 3.44
C THR A 25 -24.38 -3.05 4.48
N LEU A 26 -23.53 -2.93 5.48
CA LEU A 26 -23.41 -3.92 6.51
C LEU A 26 -24.68 -3.89 7.34
N VAL A 27 -25.11 -2.68 7.66
CA VAL A 27 -26.32 -2.46 8.43
C VAL A 27 -27.55 -3.05 7.69
N GLU A 28 -27.63 -2.80 6.38
CA GLU A 28 -28.71 -3.34 5.56
C GLU A 28 -28.71 -4.86 5.50
N ALA A 29 -27.65 -5.48 6.01
CA ALA A 29 -27.56 -6.95 6.03
C ALA A 29 -27.90 -7.52 7.41
N GLY A 30 -28.33 -6.65 8.32
CA GLY A 30 -28.72 -7.05 9.67
C GLY A 30 -27.62 -6.91 10.71
N HIS A 31 -26.45 -6.45 10.29
CA HIS A 31 -25.36 -6.31 11.22
C HIS A 31 -25.36 -4.96 11.88
N THR A 32 -24.73 -4.90 13.04
CA THR A 32 -24.63 -3.65 13.76
C THR A 32 -23.16 -3.26 13.90
N VAL A 33 -22.89 -1.97 13.70
CA VAL A 33 -21.54 -1.46 13.67
C VAL A 33 -21.32 -0.36 14.67
N PHE A 34 -20.22 -0.46 15.39
CA PHE A 34 -19.85 0.53 16.37
C PHE A 34 -18.55 1.16 15.96
N ILE A 35 -18.55 2.48 15.86
CA ILE A 35 -17.37 3.18 15.42
C ILE A 35 -16.96 4.25 16.41
N GLU A 36 -15.69 4.26 16.74
CA GLU A 36 -15.19 5.24 17.66
C GLU A 36 -15.28 6.63 17.08
N THR A 37 -15.83 7.55 17.86
CA THR A 37 -15.97 8.92 17.43
C THR A 37 -14.65 9.45 16.85
N GLN A 38 -14.75 10.25 15.77
CA GLN A 38 -13.54 10.82 15.13
C GLN A 38 -12.74 9.78 14.29
N ALA A 39 -13.14 8.50 14.34
CA ALA A 39 -12.43 7.48 13.59
C ALA A 39 -12.27 7.83 12.11
N GLY A 40 -13.31 8.42 11.50
CA GLY A 40 -13.30 8.71 10.05
C GLY A 40 -12.85 10.10 9.68
N ILE A 41 -12.70 10.93 10.66
CA ILE A 41 -12.37 12.29 10.41
C ILE A 41 -11.11 12.60 9.52
N GLY A 42 -10.05 11.83 9.66
CA GLY A 42 -8.85 12.07 8.87
C GLY A 42 -9.08 11.74 7.40
N ALA A 43 -10.08 10.91 7.14
CA ALA A 43 -10.42 10.47 5.78
C ALA A 43 -11.54 11.29 5.21
N GLY A 44 -12.02 12.26 5.99
CA GLY A 44 -13.12 13.14 5.55
C GLY A 44 -14.56 12.64 5.85
N PHE A 45 -14.71 11.71 6.80
CA PHE A 45 -16.03 11.19 7.19
C PHE A 45 -16.35 11.60 8.62
N ALA A 46 -17.37 12.41 8.80
CA ALA A 46 -17.73 12.85 10.13
C ALA A 46 -18.61 11.82 10.78
N ASP A 47 -18.71 11.88 12.11
CA ASP A 47 -19.53 10.94 12.86
C ASP A 47 -20.99 10.95 12.32
N GLN A 48 -21.53 12.13 11.98
CA GLN A 48 -22.90 12.21 11.49
C GLN A 48 -23.05 11.38 10.27
N ASP A 49 -22.01 11.41 9.46
CA ASP A 49 -22.00 10.62 8.25
C ASP A 49 -22.15 9.17 8.60
N TYR A 50 -21.56 8.78 9.73
CA TYR A 50 -21.70 7.41 10.20
C TYR A 50 -23.06 7.16 10.79
N VAL A 51 -23.60 8.18 11.42
CA VAL A 51 -24.92 8.05 12.00
C VAL A 51 -26.00 7.84 10.93
N GLN A 52 -25.94 8.63 9.87
CA GLN A 52 -26.91 8.51 8.81
C GLN A 52 -26.85 7.17 8.14
N ALA A 53 -25.70 6.51 8.26
CA ALA A 53 -25.50 5.19 7.65
C ALA A 53 -26.03 4.04 8.52
N GLY A 54 -26.19 4.28 9.82
CA GLY A 54 -26.74 3.23 10.70
C GLY A 54 -25.78 2.78 11.79
N ALA A 55 -24.67 3.48 11.89
CA ALA A 55 -23.69 3.14 12.89
C ALA A 55 -24.02 3.74 14.20
N GLN A 56 -23.59 3.07 15.26
CA GLN A 56 -23.67 3.65 16.58
C GLN A 56 -22.25 4.19 16.80
N VAL A 57 -22.14 5.48 17.08
CA VAL A 57 -20.84 6.08 17.30
C VAL A 57 -20.46 5.94 18.79
N VAL A 58 -19.34 5.29 19.02
CA VAL A 58 -18.86 5.01 20.36
C VAL A 58 -17.79 6.05 20.83
N PRO A 59 -17.83 6.39 22.09
CA PRO A 59 -16.93 7.41 22.63
C PRO A 59 -15.48 6.98 22.86
N SER A 60 -15.23 5.67 22.91
CA SER A 60 -13.91 5.20 23.21
C SER A 60 -13.50 4.00 22.39
N ALA A 61 -12.17 3.86 22.25
CA ALA A 61 -11.58 2.70 21.56
C ALA A 61 -12.00 1.38 22.21
N LYS A 62 -12.10 1.40 23.53
CA LYS A 62 -12.46 0.21 24.29
C LYS A 62 -13.76 -0.30 23.77
N ASP A 63 -14.68 0.65 23.57
CA ASP A 63 -16.03 0.35 23.09
C ASP A 63 -16.04 -0.19 21.65
N ALA A 64 -15.03 0.21 20.88
CA ALA A 64 -14.90 -0.25 19.52
C ALA A 64 -14.21 -1.63 19.47
N TRP A 65 -13.24 -1.86 20.38
CA TRP A 65 -12.51 -3.12 20.41
C TRP A 65 -13.24 -4.27 21.02
N SER A 66 -14.26 -3.95 21.81
CA SER A 66 -15.01 -4.95 22.53
C SER A 66 -16.04 -5.70 21.67
N ARG A 67 -15.83 -5.74 20.37
CA ARG A 67 -16.79 -6.38 19.49
C ARG A 67 -16.29 -7.67 18.91
N GLU A 68 -17.21 -8.47 18.37
CA GLU A 68 -16.87 -9.79 17.83
C GLU A 68 -15.97 -9.72 16.64
N MET A 69 -16.07 -8.62 15.91
CA MET A 69 -15.25 -8.40 14.72
C MET A 69 -14.68 -7.03 14.76
N VAL A 70 -13.38 -6.95 14.60
CA VAL A 70 -12.77 -5.66 14.53
C VAL A 70 -12.19 -5.48 13.13
N VAL A 71 -12.62 -4.44 12.46
CA VAL A 71 -12.15 -4.15 11.10
C VAL A 71 -11.32 -2.88 11.16
N LYS A 72 -10.02 -3.02 10.82
CA LYS A 72 -9.04 -1.92 10.88
C LYS A 72 -8.23 -1.80 9.58
N VAL A 73 -7.35 -0.83 9.54
CA VAL A 73 -6.43 -0.65 8.40
C VAL A 73 -4.99 -1.19 8.76
N LYS A 74 -4.43 -0.71 9.88
CA LYS A 74 -3.08 -1.07 10.36
C LYS A 74 -3.10 -2.12 11.43
N GLU A 75 -1.94 -2.61 11.79
CA GLU A 75 -1.83 -3.62 12.82
C GLU A 75 -2.04 -3.01 14.21
N PRO A 76 -2.47 -3.83 15.14
CA PRO A 76 -2.68 -3.34 16.50
C PRO A 76 -1.34 -2.96 17.07
N LEU A 77 -1.35 -1.91 17.87
CA LEU A 77 -0.14 -1.47 18.51
C LEU A 77 -0.19 -1.84 20.02
N PRO A 78 0.96 -1.89 20.66
CA PRO A 78 1.07 -2.24 22.08
C PRO A 78 -0.03 -1.54 22.92
N ALA A 79 -0.13 -0.23 22.74
CA ALA A 79 -1.16 0.51 23.44
C ALA A 79 -2.52 -0.18 23.40
N GLU A 80 -2.79 -0.93 22.33
CA GLU A 80 -4.10 -1.59 22.19
C GLU A 80 -4.10 -3.04 22.59
N TYR A 81 -2.95 -3.54 23.01
CA TYR A 81 -2.84 -4.95 23.34
C TYR A 81 -3.87 -5.44 24.35
N ASP A 82 -4.15 -4.59 25.34
CA ASP A 82 -5.09 -4.90 26.40
C ASP A 82 -6.56 -4.71 26.03
N LEU A 83 -6.81 -4.26 24.79
CA LEU A 83 -8.17 -4.04 24.30
C LEU A 83 -8.66 -5.24 23.54
N MET A 84 -7.74 -6.09 23.14
CA MET A 84 -8.11 -7.27 22.38
C MET A 84 -8.78 -8.30 23.29
N GLN A 85 -9.65 -9.11 22.69
CA GLN A 85 -10.39 -10.13 23.41
C GLN A 85 -10.26 -11.52 22.79
N LYS A 86 -10.48 -12.53 23.62
CA LYS A 86 -10.29 -13.91 23.25
C LYS A 86 -10.95 -14.44 22.02
N ASP A 87 -12.24 -14.22 21.87
CA ASP A 87 -12.90 -14.83 20.71
C ASP A 87 -13.10 -13.96 19.46
N GLN A 88 -12.44 -12.81 19.43
CA GLN A 88 -12.52 -11.89 18.31
C GLN A 88 -12.05 -12.37 16.98
N LEU A 89 -12.61 -11.73 15.97
CA LEU A 89 -12.18 -11.87 14.63
C LEU A 89 -11.49 -10.52 14.35
N LEU A 90 -10.23 -10.57 13.95
CA LEU A 90 -9.53 -9.34 13.61
C LEU A 90 -9.15 -9.39 12.13
N PHE A 91 -9.49 -8.31 11.43
CA PHE A 91 -9.27 -8.21 9.97
C PHE A 91 -8.59 -6.87 9.66
N THR A 92 -7.33 -6.91 9.25
CA THR A 92 -6.63 -5.67 8.99
C THR A 92 -5.32 -6.04 8.32
N TYR A 93 -4.48 -5.05 8.04
CA TYR A 93 -3.16 -5.35 7.48
C TYR A 93 -2.27 -5.68 8.70
N LEU A 94 -1.64 -6.85 8.70
CA LEU A 94 -0.84 -7.28 9.84
C LEU A 94 0.69 -7.24 9.64
N HIS A 95 1.15 -7.89 8.56
CA HIS A 95 2.60 -7.94 8.28
C HIS A 95 3.32 -8.62 9.45
N LEU A 96 2.82 -9.78 9.86
CA LEU A 96 3.38 -10.52 10.98
C LEU A 96 4.84 -10.94 10.82
N ALA A 97 5.26 -11.22 9.59
CA ALA A 97 6.64 -11.65 9.34
C ALA A 97 7.65 -10.58 9.69
N ALA A 98 7.18 -9.48 10.22
CA ALA A 98 8.05 -8.40 10.59
C ALA A 98 7.84 -8.01 12.07
N ALA A 99 6.88 -8.67 12.73
CA ALA A 99 6.54 -8.34 14.10
C ALA A 99 6.39 -9.57 15.01
N ARG A 100 7.52 -10.01 15.58
CA ARG A 100 7.51 -11.15 16.47
C ARG A 100 6.54 -10.94 17.60
N GLU A 101 6.72 -9.82 18.30
CA GLU A 101 5.91 -9.52 19.48
C GLU A 101 4.42 -9.47 19.21
N LEU A 102 4.05 -8.77 18.13
CA LEU A 102 2.64 -8.70 17.78
C LEU A 102 2.18 -10.11 17.57
N THR A 103 2.97 -10.89 16.79
CA THR A 103 2.59 -12.26 16.53
C THR A 103 2.37 -13.02 17.82
N GLU A 104 3.32 -12.90 18.73
CA GLU A 104 3.20 -13.59 20.02
C GLU A 104 1.96 -13.12 20.72
N GLN A 105 1.81 -11.81 20.74
CA GLN A 105 0.67 -11.14 21.37
C GLN A 105 -0.65 -11.73 20.92
N LEU A 106 -0.81 -11.88 19.61
CA LEU A 106 -2.05 -12.39 19.07
C LEU A 106 -2.21 -13.84 19.43
N MET A 107 -1.08 -14.52 19.57
CA MET A 107 -1.09 -15.91 19.96
C MET A 107 -1.58 -16.06 21.39
N ARG A 108 -1.07 -15.23 22.30
CA ARG A 108 -1.49 -15.26 23.70
C ARG A 108 -2.99 -15.15 23.81
N VAL A 109 -3.52 -14.01 23.36
CA VAL A 109 -4.94 -13.73 23.39
C VAL A 109 -5.85 -14.83 22.84
N GLY A 110 -5.51 -15.42 21.70
CA GLY A 110 -6.32 -16.51 21.16
C GLY A 110 -7.26 -16.14 20.00
N LEU A 111 -7.49 -14.85 19.77
CA LEU A 111 -8.40 -14.44 18.69
C LEU A 111 -7.98 -15.01 17.33
N THR A 112 -8.83 -14.86 16.32
CA THR A 112 -8.44 -15.30 15.02
C THR A 112 -8.14 -14.02 14.26
N ALA A 113 -6.97 -13.99 13.63
CA ALA A 113 -6.52 -12.81 12.92
C ALA A 113 -6.35 -13.12 11.46
N ILE A 114 -7.07 -12.34 10.64
CA ILE A 114 -7.05 -12.48 9.19
C ILE A 114 -6.33 -11.23 8.66
N ALA A 115 -5.28 -11.45 7.86
CA ALA A 115 -4.49 -10.34 7.32
C ALA A 115 -4.98 -10.00 5.91
N TYR A 116 -5.17 -8.70 5.63
CA TYR A 116 -5.62 -8.31 4.28
C TYR A 116 -4.62 -8.82 3.24
N GLU A 117 -3.36 -8.61 3.56
CA GLU A 117 -2.29 -8.87 2.61
C GLU A 117 -2.03 -10.32 2.25
N THR A 118 -2.71 -11.27 2.91
CA THR A 118 -2.50 -12.70 2.56
C THR A 118 -3.71 -13.38 1.95
N VAL A 119 -4.86 -12.70 2.01
CA VAL A 119 -6.05 -13.19 1.35
C VAL A 119 -5.61 -13.31 -0.11
N GLU A 120 -5.62 -14.54 -0.62
CA GLU A 120 -5.06 -14.83 -1.92
C GLU A 120 -5.93 -15.63 -2.86
N LEU A 121 -5.91 -15.25 -4.14
CA LEU A 121 -6.70 -15.97 -5.12
C LEU A 121 -5.91 -17.10 -5.75
N PRO A 122 -6.60 -17.95 -6.49
CA PRO A 122 -5.96 -19.08 -7.13
C PRO A 122 -4.80 -18.62 -8.00
N ASN A 123 -4.98 -17.44 -8.60
CA ASN A 123 -3.97 -16.84 -9.44
C ASN A 123 -2.78 -16.36 -8.66
N ARG A 124 -2.86 -16.52 -7.35
CA ARG A 124 -1.85 -15.97 -6.48
C ARG A 124 -1.82 -14.42 -6.52
N SER A 125 -2.95 -13.83 -6.91
CA SER A 125 -3.14 -12.40 -6.87
C SER A 125 -3.61 -12.10 -5.43
N LEU A 126 -3.25 -10.91 -4.96
CA LEU A 126 -3.61 -10.49 -3.62
C LEU A 126 -4.58 -9.34 -3.74
N PRO A 127 -5.84 -9.67 -3.92
CA PRO A 127 -6.84 -8.68 -4.17
C PRO A 127 -6.94 -7.53 -3.20
N LEU A 128 -6.42 -7.69 -1.99
CA LEU A 128 -6.56 -6.63 -1.00
C LEU A 128 -5.37 -5.68 -0.85
N LEU A 129 -4.34 -5.93 -1.66
CA LEU A 129 -3.13 -5.11 -1.74
C LEU A 129 -3.21 -4.25 -2.98
N THR A 130 -3.73 -4.81 -4.06
CA THR A 130 -3.78 -4.12 -5.37
C THR A 130 -4.28 -2.70 -5.36
N PRO A 131 -5.35 -2.44 -4.60
CA PRO A 131 -5.90 -1.12 -4.57
C PRO A 131 -4.84 -0.16 -4.12
N MET A 132 -4.04 -0.55 -3.15
CA MET A 132 -3.02 0.34 -2.65
C MET A 132 -1.89 0.46 -3.62
N SER A 133 -1.59 -0.62 -4.33
CA SER A 133 -0.51 -0.55 -5.33
C SER A 133 -0.84 0.45 -6.44
N ILE A 134 -2.09 0.42 -6.89
CA ILE A 134 -2.53 1.33 -7.93
C ILE A 134 -2.33 2.78 -7.49
N ILE A 135 -2.76 3.08 -6.28
CA ILE A 135 -2.62 4.43 -5.74
C ILE A 135 -1.18 4.85 -5.60
N ALA A 136 -0.35 3.92 -5.16
CA ALA A 136 1.05 4.22 -4.99
C ALA A 136 1.71 4.58 -6.35
N GLY A 137 1.34 3.86 -7.41
CA GLY A 137 1.90 4.10 -8.75
C GLY A 137 1.52 5.52 -9.19
N ARG A 138 0.26 5.87 -8.98
CA ARG A 138 -0.22 7.20 -9.35
C ARG A 138 0.43 8.32 -8.58
N LEU A 139 0.66 8.10 -7.28
CA LEU A 139 1.29 9.13 -6.46
C LEU A 139 2.75 9.32 -6.74
N SER A 140 3.42 8.27 -7.18
CA SER A 140 4.86 8.36 -7.42
C SER A 140 5.20 9.52 -8.31
N VAL A 141 4.37 9.74 -9.33
CA VAL A 141 4.64 10.81 -10.28
C VAL A 141 4.30 12.20 -9.69
N GLN A 142 3.24 12.23 -8.89
CA GLN A 142 2.79 13.42 -8.22
C GLN A 142 3.88 13.91 -7.26
N PHE A 143 4.43 12.99 -6.48
CA PHE A 143 5.54 13.33 -5.57
C PHE A 143 6.78 13.73 -6.36
N GLY A 144 7.07 12.96 -7.39
CA GLY A 144 8.27 13.20 -8.16
C GLY A 144 8.24 14.58 -8.77
N ALA A 145 7.06 15.01 -9.23
CA ALA A 145 6.92 16.33 -9.84
C ALA A 145 7.22 17.40 -8.82
N ARG A 146 6.74 17.19 -7.61
CA ARG A 146 6.94 18.16 -6.55
C ARG A 146 8.41 18.30 -6.19
N PHE A 147 9.15 17.22 -6.21
CA PHE A 147 10.57 17.30 -5.87
C PHE A 147 11.50 17.73 -6.98
N LEU A 148 10.97 17.80 -8.20
CA LEU A 148 11.76 18.33 -9.31
C LEU A 148 11.70 19.91 -9.29
N GLU A 149 10.81 20.45 -8.43
CA GLU A 149 10.67 21.91 -8.27
C GLU A 149 11.93 22.43 -7.54
N ARG A 150 12.42 23.58 -7.96
CA ARG A 150 13.65 24.12 -7.41
C ARG A 150 13.62 24.30 -5.88
N GLN A 151 12.53 24.86 -5.37
CA GLN A 151 12.42 25.12 -3.94
C GLN A 151 12.35 23.86 -3.13
N GLN A 152 12.02 22.76 -3.79
CA GLN A 152 11.92 21.49 -3.12
C GLN A 152 13.21 20.70 -3.16
N GLY A 153 14.18 21.19 -3.94
CA GLY A 153 15.46 20.53 -4.08
C GLY A 153 15.88 20.11 -5.52
N GLY A 154 14.93 19.89 -6.42
CA GLY A 154 15.25 19.36 -7.77
C GLY A 154 15.84 20.38 -8.71
N ARG A 155 16.12 19.97 -9.95
CA ARG A 155 16.68 20.90 -10.89
C ARG A 155 15.72 21.96 -11.37
N GLY A 156 14.42 21.80 -11.09
CA GLY A 156 13.41 22.80 -11.49
C GLY A 156 12.95 22.53 -12.91
N VAL A 157 12.41 21.34 -13.10
CA VAL A 157 11.99 20.93 -14.44
C VAL A 157 10.52 20.69 -14.43
N LEU A 158 9.81 21.23 -15.44
CA LEU A 158 8.37 21.00 -15.60
C LEU A 158 8.25 19.71 -16.45
N LEU A 159 7.56 18.68 -15.93
CA LEU A 159 7.51 17.40 -16.65
C LEU A 159 7.06 17.49 -18.08
N GLY A 160 6.00 18.25 -18.28
CA GLY A 160 5.46 18.38 -19.62
C GLY A 160 6.22 19.35 -20.52
N GLY A 161 7.08 20.17 -19.97
CA GLY A 161 7.80 21.15 -20.76
C GLY A 161 6.75 22.16 -21.30
N VAL A 162 7.11 22.90 -22.36
CA VAL A 162 6.16 23.79 -23.06
C VAL A 162 6.62 23.74 -24.50
N PRO A 163 5.73 23.99 -25.44
CA PRO A 163 6.12 23.91 -26.83
C PRO A 163 7.36 24.72 -27.08
N GLY A 164 8.39 24.08 -27.61
CA GLY A 164 9.66 24.72 -27.86
C GLY A 164 10.72 24.26 -26.84
N VAL A 165 10.28 23.74 -25.69
CA VAL A 165 11.19 23.32 -24.63
C VAL A 165 11.08 21.80 -24.34
N LYS A 166 12.22 21.14 -24.12
CA LYS A 166 12.30 19.69 -23.81
C LYS A 166 11.39 19.34 -22.65
N PRO A 167 10.57 18.28 -22.78
CA PRO A 167 9.78 17.81 -21.63
C PRO A 167 10.73 17.03 -20.68
N GLY A 168 10.24 16.70 -19.49
CA GLY A 168 11.02 15.93 -18.52
C GLY A 168 11.07 14.46 -19.01
N LYS A 169 12.08 13.75 -18.58
CA LYS A 169 12.20 12.34 -18.93
C LYS A 169 11.99 11.49 -17.68
N VAL A 170 10.99 10.61 -17.75
CA VAL A 170 10.64 9.72 -16.66
C VAL A 170 11.00 8.32 -17.08
N VAL A 171 11.80 7.66 -16.25
CA VAL A 171 12.22 6.30 -16.49
C VAL A 171 11.58 5.43 -15.42
N ILE A 172 10.85 4.43 -15.85
CA ILE A 172 10.19 3.55 -14.90
C ILE A 172 10.74 2.13 -14.99
N LEU A 173 11.23 1.64 -13.86
CA LEU A 173 11.78 0.30 -13.79
C LEU A 173 10.72 -0.63 -13.23
N GLY A 174 10.13 -1.45 -14.09
CA GLY A 174 9.05 -2.37 -13.68
C GLY A 174 7.78 -2.01 -14.45
N GLY A 175 7.23 -2.98 -15.17
CA GLY A 175 6.03 -2.75 -16.00
C GLY A 175 4.74 -3.36 -15.46
N GLY A 176 4.74 -3.71 -14.20
CA GLY A 176 3.54 -4.25 -13.58
C GLY A 176 2.57 -3.13 -13.23
N VAL A 177 1.61 -3.46 -12.37
CA VAL A 177 0.55 -2.56 -11.92
C VAL A 177 1.05 -1.18 -11.51
N VAL A 178 2.05 -1.18 -10.65
CA VAL A 178 2.60 0.05 -10.15
C VAL A 178 3.22 0.88 -11.25
N GLY A 179 4.04 0.24 -12.08
CA GLY A 179 4.75 0.96 -13.13
C GLY A 179 3.80 1.42 -14.21
N THR A 180 2.78 0.65 -14.43
CA THR A 180 1.78 1.00 -15.41
C THR A 180 0.98 2.26 -14.96
N GLU A 181 0.57 2.29 -13.69
CA GLU A 181 -0.16 3.43 -13.15
C GLU A 181 0.71 4.66 -13.14
N ALA A 182 1.99 4.49 -12.86
CA ALA A 182 2.92 5.61 -12.88
C ALA A 182 3.05 6.20 -14.31
N ALA A 183 3.18 5.31 -15.30
CA ALA A 183 3.31 5.72 -16.72
C ALA A 183 2.07 6.49 -17.14
N LYS A 184 0.90 6.09 -16.65
CA LYS A 184 -0.32 6.77 -16.99
C LYS A 184 -0.24 8.22 -16.52
N MET A 185 0.24 8.44 -15.32
CA MET A 185 0.30 9.81 -14.80
C MET A 185 1.35 10.63 -15.48
N ALA A 186 2.47 10.00 -15.78
CA ALA A 186 3.56 10.71 -16.41
C ALA A 186 3.21 11.11 -17.82
N VAL A 187 2.55 10.22 -18.53
CA VAL A 187 2.13 10.54 -19.85
C VAL A 187 1.09 11.71 -19.77
N GLY A 188 0.23 11.66 -18.76
CA GLY A 188 -0.81 12.66 -18.56
C GLY A 188 -0.22 14.08 -18.36
N LEU A 189 0.92 14.16 -17.68
CA LEU A 189 1.58 15.43 -17.47
C LEU A 189 2.40 15.87 -18.69
N GLY A 190 2.53 14.99 -19.68
CA GLY A 190 3.22 15.33 -20.91
C GLY A 190 4.70 14.94 -20.97
N ALA A 191 5.14 14.15 -20.02
CA ALA A 191 6.56 13.78 -19.98
C ALA A 191 6.92 12.80 -21.09
N GLN A 192 8.23 12.64 -21.30
CA GLN A 192 8.72 11.61 -22.22
C GLN A 192 8.89 10.41 -21.28
N VAL A 193 8.34 9.26 -21.65
CA VAL A 193 8.36 8.09 -20.76
C VAL A 193 8.97 6.80 -21.32
N GLN A 194 9.78 6.14 -20.48
CA GLN A 194 10.35 4.86 -20.78
C GLN A 194 9.99 3.88 -19.69
N ILE A 195 9.53 2.68 -20.06
CA ILE A 195 9.24 1.65 -19.06
C ILE A 195 10.13 0.48 -19.36
N PHE A 196 10.75 -0.07 -18.35
CA PHE A 196 11.59 -1.24 -18.57
C PHE A 196 10.96 -2.41 -17.88
N ASP A 197 11.03 -3.58 -18.49
CA ASP A 197 10.55 -4.78 -17.85
C ASP A 197 11.24 -5.97 -18.50
N ILE A 198 11.30 -7.09 -17.80
CA ILE A 198 11.99 -8.27 -18.35
C ILE A 198 11.02 -9.23 -19.01
N ASN A 199 9.74 -8.93 -18.92
CA ASN A 199 8.74 -9.79 -19.51
C ASN A 199 8.18 -9.18 -20.79
N VAL A 200 8.57 -9.75 -21.91
CA VAL A 200 8.13 -9.22 -23.18
C VAL A 200 6.61 -9.27 -23.37
N GLU A 201 5.96 -10.28 -22.79
CA GLU A 201 4.53 -10.39 -22.90
C GLU A 201 3.90 -9.18 -22.24
N ARG A 202 4.47 -8.78 -21.13
CA ARG A 202 3.95 -7.65 -20.42
C ARG A 202 4.20 -6.41 -21.27
N LEU A 203 5.39 -6.34 -21.87
CA LEU A 203 5.70 -5.18 -22.73
C LEU A 203 4.68 -5.12 -23.86
N SER A 204 4.34 -6.27 -24.39
CA SER A 204 3.38 -6.34 -25.46
C SER A 204 2.00 -5.87 -25.03
N TYR A 205 1.58 -6.31 -23.87
CA TYR A 205 0.31 -5.88 -23.33
C TYR A 205 0.31 -4.34 -23.14
N LEU A 206 1.39 -3.81 -22.61
CA LEU A 206 1.49 -2.36 -22.39
C LEU A 206 1.33 -1.54 -23.68
N GLU A 207 1.77 -2.10 -24.80
CA GLU A 207 1.63 -1.41 -26.06
C GLU A 207 0.16 -1.26 -26.41
N THR A 208 -0.67 -2.22 -25.97
CA THR A 208 -2.10 -2.11 -26.24
C THR A 208 -2.70 -0.96 -25.39
N LEU A 209 -2.05 -0.61 -24.27
CA LEU A 209 -2.52 0.50 -23.47
C LEU A 209 -2.00 1.80 -24.00
N PHE A 210 -0.72 1.87 -24.28
CA PHE A 210 -0.11 3.15 -24.63
C PHE A 210 0.16 3.41 -26.08
N GLY A 211 0.05 2.39 -26.94
CA GLY A 211 0.36 2.61 -28.35
C GLY A 211 1.87 2.98 -28.42
N SER A 212 2.25 3.91 -29.30
CA SER A 212 3.67 4.30 -29.45
C SER A 212 4.07 5.54 -28.62
N ARG A 213 3.22 5.91 -27.67
CA ARG A 213 3.44 7.12 -26.89
C ARG A 213 4.51 6.96 -25.85
N VAL A 214 4.71 5.75 -25.39
CA VAL A 214 5.69 5.44 -24.36
C VAL A 214 6.76 4.50 -24.95
N GLU A 215 8.04 4.63 -24.54
CA GLU A 215 9.08 3.70 -25.02
C GLU A 215 9.06 2.44 -24.15
N LEU A 216 8.89 1.28 -24.78
CA LEU A 216 8.79 -0.02 -24.07
C LEU A 216 10.03 -0.83 -24.31
N LEU A 217 10.87 -0.90 -23.28
CA LEU A 217 12.19 -1.46 -23.36
C LEU A 217 12.46 -2.66 -22.44
N TYR A 218 13.15 -3.66 -22.99
CA TYR A 218 13.53 -4.88 -22.26
C TYR A 218 14.58 -4.54 -21.23
N SER A 219 14.44 -5.04 -20.02
CA SER A 219 15.38 -4.68 -19.00
C SER A 219 16.70 -5.39 -19.12
N ASN A 220 17.67 -4.68 -19.69
CA ASN A 220 19.03 -5.15 -19.76
C ASN A 220 19.94 -4.05 -19.25
N SER A 221 20.95 -4.47 -18.48
CA SER A 221 21.88 -3.58 -17.82
C SER A 221 22.37 -2.48 -18.70
N ALA A 222 22.72 -2.83 -19.94
CA ALA A 222 23.20 -1.84 -20.91
C ALA A 222 22.21 -0.66 -21.16
N GLU A 223 20.95 -0.99 -21.50
CA GLU A 223 19.97 0.03 -21.81
C GLU A 223 19.61 0.78 -20.57
N ILE A 224 19.54 0.07 -19.45
CA ILE A 224 19.23 0.69 -18.19
C ILE A 224 20.21 1.80 -17.85
N GLU A 225 21.49 1.52 -18.05
CA GLU A 225 22.51 2.51 -17.73
C GLU A 225 22.34 3.80 -18.49
N THR A 226 22.10 3.68 -19.78
CA THR A 226 21.92 4.85 -20.63
C THR A 226 20.68 5.67 -20.24
N ALA A 227 19.57 4.99 -20.11
CA ALA A 227 18.32 5.63 -19.80
C ALA A 227 18.43 6.37 -18.50
N VAL A 228 18.83 5.67 -17.46
CA VAL A 228 18.89 6.26 -16.15
C VAL A 228 19.77 7.48 -16.10
N ALA A 229 20.86 7.45 -16.84
CA ALA A 229 21.77 8.57 -16.84
C ALA A 229 21.08 9.83 -17.38
N GLU A 230 20.11 9.67 -18.26
CA GLU A 230 19.42 10.83 -18.83
C GLU A 230 18.11 11.21 -18.10
N ALA A 231 17.74 10.46 -17.06
CA ALA A 231 16.46 10.67 -16.37
C ALA A 231 16.36 11.92 -15.49
N ASP A 232 15.15 12.51 -15.47
CA ASP A 232 14.88 13.62 -14.57
C ASP A 232 14.23 13.00 -13.35
N LEU A 233 13.42 11.96 -13.61
CA LEU A 233 12.66 11.27 -12.56
C LEU A 233 12.78 9.81 -12.80
N LEU A 234 13.32 9.11 -11.82
CA LEU A 234 13.45 7.69 -11.92
C LEU A 234 12.52 7.08 -10.88
N ILE A 235 11.70 6.17 -11.34
CA ILE A 235 10.73 5.53 -10.50
C ILE A 235 10.98 4.02 -10.42
N GLY A 236 11.27 3.53 -9.21
CA GLY A 236 11.48 2.10 -8.97
C GLY A 236 10.11 1.48 -8.70
N ALA A 237 9.69 0.57 -9.60
CA ALA A 237 8.35 -0.05 -9.52
C ALA A 237 8.41 -1.55 -9.59
N VAL A 238 9.47 -2.12 -9.04
CA VAL A 238 9.61 -3.56 -9.01
C VAL A 238 9.21 -3.98 -7.62
N LEU A 239 7.92 -4.23 -7.44
CA LEU A 239 7.44 -4.61 -6.15
C LEU A 239 7.31 -6.12 -6.05
N VAL A 240 8.42 -6.76 -5.69
CA VAL A 240 8.45 -8.21 -5.49
C VAL A 240 7.98 -8.51 -4.04
N PRO A 241 6.66 -8.69 -3.94
CA PRO A 241 5.86 -8.78 -2.73
C PRO A 241 6.11 -9.73 -1.56
N GLY A 242 7.25 -10.40 -1.54
CA GLY A 242 7.58 -11.24 -0.42
C GLY A 242 8.94 -10.75 -0.01
N ARG A 243 9.92 -11.16 -0.80
CA ARG A 243 11.29 -10.75 -0.60
C ARG A 243 11.74 -9.73 -1.61
N ARG A 244 12.83 -9.08 -1.25
CA ARG A 244 13.45 -8.00 -2.00
C ARG A 244 13.81 -8.13 -3.49
N ALA A 245 13.88 -6.97 -4.14
CA ALA A 245 14.22 -6.84 -5.54
C ALA A 245 15.73 -6.75 -5.69
N PRO A 246 16.19 -7.08 -6.87
CA PRO A 246 17.61 -6.99 -7.17
C PRO A 246 17.92 -5.56 -7.47
N ILE A 247 19.19 -5.23 -7.40
CA ILE A 247 19.60 -3.90 -7.62
C ILE A 247 19.71 -3.71 -9.08
N LEU A 248 18.91 -2.81 -9.59
CA LEU A 248 18.92 -2.49 -10.99
C LEU A 248 19.66 -1.23 -11.08
N VAL A 249 19.71 -0.51 -9.97
CA VAL A 249 20.39 0.77 -9.93
C VAL A 249 21.37 0.90 -8.78
N PRO A 250 22.63 0.68 -9.12
CA PRO A 250 23.71 0.76 -8.17
C PRO A 250 24.18 2.20 -7.98
N ALA A 251 24.80 2.46 -6.85
CA ALA A 251 25.28 3.79 -6.56
C ALA A 251 26.10 4.35 -7.70
N SER A 252 26.86 3.50 -8.36
CA SER A 252 27.72 3.94 -9.44
C SER A 252 26.89 4.53 -10.54
N LEU A 253 25.69 4.00 -10.72
CA LEU A 253 24.79 4.49 -11.73
C LEU A 253 24.18 5.80 -11.24
N VAL A 254 23.86 5.85 -9.96
CA VAL A 254 23.29 7.06 -9.41
C VAL A 254 24.23 8.23 -9.53
N GLU A 255 25.51 7.97 -9.39
CA GLU A 255 26.52 9.01 -9.49
C GLU A 255 26.55 9.60 -10.91
N GLN A 256 26.02 8.84 -11.87
CA GLN A 256 26.02 9.27 -13.26
C GLN A 256 24.78 10.13 -13.62
N MET A 257 23.81 10.21 -12.72
CA MET A 257 22.61 10.99 -12.98
C MET A 257 22.86 12.50 -12.88
N ARG A 258 21.98 13.30 -13.48
CA ARG A 258 22.12 14.73 -13.40
C ARG A 258 21.80 15.22 -11.99
N THR A 259 22.42 16.33 -11.61
CA THR A 259 22.12 16.93 -10.30
C THR A 259 20.69 17.54 -10.33
N GLY A 260 19.91 17.25 -9.29
CA GLY A 260 18.56 17.76 -9.25
C GLY A 260 17.54 16.74 -9.76
N SER A 261 18.05 15.61 -10.25
CA SER A 261 17.19 14.52 -10.69
C SER A 261 16.56 13.96 -9.45
N VAL A 262 15.42 13.30 -9.59
CA VAL A 262 14.77 12.70 -8.45
C VAL A 262 14.47 11.20 -8.55
N ILE A 263 14.61 10.50 -7.42
CA ILE A 263 14.34 9.08 -7.39
C ILE A 263 13.26 8.79 -6.38
N VAL A 264 12.30 7.97 -6.81
CA VAL A 264 11.21 7.51 -5.97
C VAL A 264 11.16 5.98 -6.13
N ASP A 265 11.14 5.24 -5.05
CA ASP A 265 11.07 3.80 -5.17
C ASP A 265 9.95 3.32 -4.38
N VAL A 266 8.97 2.79 -5.06
CA VAL A 266 7.82 2.30 -4.41
C VAL A 266 8.11 1.09 -3.51
N ALA A 267 9.21 0.39 -3.76
CA ALA A 267 9.55 -0.77 -2.97
C ALA A 267 10.40 -0.44 -1.70
N VAL A 268 10.58 0.86 -1.38
CA VAL A 268 11.42 1.28 -0.23
C VAL A 268 11.35 0.50 1.10
N ASP A 269 10.15 0.34 1.65
CA ASP A 269 10.01 -0.35 2.94
C ASP A 269 10.24 -1.88 2.93
N GLN A 270 10.35 -2.43 1.72
CA GLN A 270 10.56 -3.86 1.50
C GLN A 270 11.97 -4.13 0.96
N GLY A 271 12.54 -3.13 0.29
CA GLY A 271 13.86 -3.21 -0.35
C GLY A 271 13.73 -2.89 -1.87
N GLY A 272 14.34 -1.78 -2.32
CA GLY A 272 14.22 -1.34 -3.71
C GLY A 272 15.25 -1.89 -4.69
N CYS A 273 15.16 -1.43 -5.93
CA CYS A 273 16.06 -1.85 -6.98
C CYS A 273 17.14 -0.77 -7.13
N VAL A 274 17.03 0.25 -6.25
CA VAL A 274 17.99 1.37 -6.22
C VAL A 274 18.86 1.26 -5.00
N GLU A 275 20.12 1.03 -5.23
CA GLU A 275 21.04 0.84 -4.15
C GLU A 275 20.97 1.85 -3.03
N THR A 276 21.04 3.13 -3.40
CA THR A 276 21.16 4.30 -2.47
C THR A 276 19.94 4.71 -1.67
N LEU A 277 18.80 4.16 -2.04
CA LEU A 277 17.56 4.53 -1.42
C LEU A 277 17.18 3.75 -0.15
N HIS A 278 16.86 4.52 0.91
CA HIS A 278 16.40 3.97 2.19
C HIS A 278 15.20 4.76 2.68
N PRO A 279 14.50 4.24 3.66
CA PRO A 279 13.32 4.92 4.18
C PRO A 279 13.68 6.21 4.85
N THR A 280 12.73 7.14 4.83
CA THR A 280 12.90 8.44 5.46
C THR A 280 11.64 8.74 6.23
N SER A 281 11.66 9.82 6.99
CA SER A 281 10.49 10.23 7.76
C SER A 281 9.78 11.40 7.11
N HIS A 282 8.56 11.61 7.54
CA HIS A 282 7.76 12.71 7.07
C HIS A 282 8.36 14.09 7.27
N THR A 283 9.15 14.20 8.33
CA THR A 283 9.75 15.46 8.73
C THR A 283 10.95 15.77 7.90
N GLN A 284 11.52 14.72 7.32
CA GLN A 284 12.69 14.85 6.46
C GLN A 284 12.52 13.78 5.41
N PRO A 285 11.61 14.02 4.47
CA PRO A 285 11.25 13.01 3.47
C PRO A 285 12.30 12.68 2.42
N THR A 286 13.22 13.59 2.15
CA THR A 286 14.21 13.32 1.14
C THR A 286 15.63 13.58 1.62
N TYR A 287 16.60 13.11 0.84
CA TYR A 287 17.99 13.35 1.11
C TYR A 287 18.71 13.25 -0.21
N GLU A 288 19.91 13.83 -0.28
CA GLU A 288 20.66 13.82 -1.51
C GLU A 288 21.84 12.91 -1.44
N VAL A 289 22.19 12.37 -2.59
CA VAL A 289 23.36 11.56 -2.72
C VAL A 289 23.80 11.86 -4.12
N PHE A 290 24.95 12.52 -4.26
CA PHE A 290 25.48 12.90 -5.56
C PHE A 290 24.68 13.99 -6.19
N GLY A 291 23.95 14.75 -5.37
CA GLY A 291 23.13 15.84 -5.86
C GLY A 291 21.80 15.34 -6.39
N VAL A 292 21.54 14.06 -6.20
CA VAL A 292 20.30 13.44 -6.64
C VAL A 292 19.40 13.30 -5.46
N VAL A 293 18.20 13.86 -5.58
CA VAL A 293 17.21 13.84 -4.50
C VAL A 293 16.58 12.49 -4.31
N HIS A 294 16.56 12.03 -3.08
CA HIS A 294 15.94 10.76 -2.79
C HIS A 294 14.76 10.97 -1.92
N TYR A 295 13.63 10.41 -2.33
CA TYR A 295 12.41 10.46 -1.55
C TYR A 295 12.17 9.05 -1.07
N GLY A 296 12.09 8.87 0.25
CA GLY A 296 11.95 7.52 0.80
C GLY A 296 10.84 7.32 1.82
N VAL A 297 9.83 8.18 1.79
CA VAL A 297 8.74 8.03 2.75
C VAL A 297 7.83 6.89 2.30
N PRO A 298 7.52 5.99 3.20
CA PRO A 298 6.75 4.85 2.83
C PRO A 298 5.28 5.06 2.99
N ASN A 299 4.53 4.07 2.52
CA ASN A 299 3.08 4.11 2.56
C ASN A 299 2.53 5.37 1.84
N MET A 300 2.83 5.51 0.55
CA MET A 300 2.38 6.68 -0.18
C MET A 300 0.87 6.90 -0.14
N PRO A 301 0.07 5.81 -0.23
CA PRO A 301 -1.39 5.94 -0.21
C PRO A 301 -1.94 6.64 1.01
N GLY A 302 -1.17 6.71 2.09
CA GLY A 302 -1.62 7.42 3.30
C GLY A 302 -1.84 8.94 3.07
N ALA A 303 -1.30 9.46 1.96
CA ALA A 303 -1.42 10.87 1.61
C ALA A 303 -2.81 11.21 1.12
N VAL A 304 -3.56 10.21 0.67
CA VAL A 304 -4.91 10.43 0.16
C VAL A 304 -5.92 9.48 0.83
N PRO A 305 -6.13 9.67 2.14
CA PRO A 305 -6.99 8.80 2.94
C PRO A 305 -8.44 8.72 2.45
N TRP A 306 -8.97 9.82 1.91
CA TRP A 306 -10.35 9.77 1.43
C TRP A 306 -10.42 8.77 0.25
N THR A 307 -9.56 8.95 -0.73
CA THR A 307 -9.56 8.06 -1.86
C THR A 307 -9.18 6.61 -1.43
N ALA A 308 -8.12 6.48 -0.63
CA ALA A 308 -7.58 5.15 -0.19
C ALA A 308 -8.55 4.29 0.61
N THR A 309 -9.28 4.91 1.52
CA THR A 309 -10.28 4.22 2.34
C THR A 309 -11.37 3.59 1.46
N GLN A 310 -11.89 4.34 0.49
CA GLN A 310 -12.90 3.79 -0.37
C GLN A 310 -12.36 2.69 -1.26
N ALA A 311 -11.17 2.91 -1.80
CA ALA A 311 -10.57 1.92 -2.67
C ALA A 311 -10.41 0.61 -1.90
N LEU A 312 -9.98 0.70 -0.66
CA LEU A 312 -9.73 -0.48 0.14
C LEU A 312 -11.06 -1.18 0.42
N ASN A 313 -12.01 -0.39 0.90
CA ASN A 313 -13.35 -0.92 1.21
C ASN A 313 -14.03 -1.58 0.04
N ASN A 314 -13.79 -1.08 -1.16
CA ASN A 314 -14.44 -1.64 -2.31
C ASN A 314 -13.99 -3.04 -2.45
N SER A 315 -12.78 -3.31 -2.01
CA SER A 315 -12.26 -4.65 -2.12
C SER A 315 -12.49 -5.52 -0.87
N THR A 316 -12.41 -4.94 0.31
CA THR A 316 -12.58 -5.73 1.53
C THR A 316 -14.02 -6.03 1.81
N LEU A 317 -14.87 -5.13 1.38
CA LEU A 317 -16.27 -5.25 1.67
C LEU A 317 -16.90 -6.62 1.57
N PRO A 318 -16.84 -7.24 0.40
CA PRO A 318 -17.47 -8.56 0.23
C PRO A 318 -16.93 -9.57 1.27
N TYR A 319 -15.69 -9.41 1.70
CA TYR A 319 -15.13 -10.29 2.72
C TYR A 319 -15.64 -9.97 4.08
N VAL A 320 -15.78 -8.70 4.37
CA VAL A 320 -16.28 -8.31 5.66
C VAL A 320 -17.69 -8.86 5.85
N VAL A 321 -18.48 -8.76 4.81
CA VAL A 321 -19.86 -9.22 4.85
C VAL A 321 -19.98 -10.74 5.06
N LYS A 322 -19.12 -11.50 4.37
CA LYS A 322 -19.07 -12.95 4.47
C LYS A 322 -18.77 -13.32 5.90
N LEU A 323 -17.73 -12.71 6.44
CA LEU A 323 -17.34 -12.96 7.80
C LEU A 323 -18.48 -12.62 8.74
N ALA A 324 -19.11 -11.48 8.52
CA ALA A 324 -20.20 -11.08 9.40
C ALA A 324 -21.34 -12.10 9.33
N ASN A 325 -21.58 -12.63 8.16
CA ASN A 325 -22.64 -13.58 8.00
C ASN A 325 -22.28 -14.95 8.56
N GLN A 326 -21.28 -15.57 7.96
CA GLN A 326 -20.87 -16.93 8.31
C GLN A 326 -19.87 -17.08 9.41
N GLY A 327 -19.44 -15.97 9.97
CA GLY A 327 -18.43 -16.03 11.01
C GLY A 327 -17.29 -16.94 10.54
N LEU A 328 -16.78 -17.77 11.43
CA LEU A 328 -15.68 -18.65 11.09
C LEU A 328 -15.89 -19.67 9.96
N LYS A 329 -17.13 -19.99 9.62
CA LYS A 329 -17.35 -20.99 8.57
C LYS A 329 -16.92 -20.48 7.22
N ALA A 330 -16.92 -19.16 7.08
CA ALA A 330 -16.55 -18.53 5.81
C ALA A 330 -15.18 -18.97 5.34
N LEU A 331 -14.35 -19.39 6.28
CA LEU A 331 -13.02 -19.83 5.93
C LEU A 331 -13.04 -21.18 5.25
N GLU A 332 -14.18 -21.87 5.36
CA GLU A 332 -14.30 -23.18 4.73
C GLU A 332 -15.12 -23.11 3.46
N THR A 333 -15.68 -21.93 3.23
CA THR A 333 -16.45 -21.68 2.04
C THR A 333 -15.59 -20.84 1.11
N ASP A 334 -14.66 -20.07 1.70
CA ASP A 334 -13.76 -19.19 0.94
C ASP A 334 -12.29 -19.54 1.07
N ASP A 335 -11.73 -19.95 -0.05
CA ASP A 335 -10.33 -20.32 -0.08
C ASP A 335 -9.42 -19.13 0.11
N ALA A 336 -9.78 -17.98 -0.48
CA ALA A 336 -8.97 -16.77 -0.39
C ALA A 336 -8.90 -16.33 1.03
N LEU A 337 -10.05 -16.33 1.69
CA LEU A 337 -10.15 -15.98 3.09
C LEU A 337 -9.35 -16.97 3.93
N ALA A 338 -9.49 -18.23 3.63
CA ALA A 338 -8.77 -19.26 4.35
C ALA A 338 -7.28 -18.92 4.33
N LYS A 339 -6.80 -18.44 3.19
CA LYS A 339 -5.41 -18.09 3.00
C LYS A 339 -5.02 -16.85 3.78
N GLY A 340 -6.01 -16.05 4.14
CA GLY A 340 -5.76 -14.83 4.87
C GLY A 340 -5.55 -15.12 6.34
N LEU A 341 -6.03 -16.28 6.79
CA LEU A 341 -5.89 -16.65 8.21
C LEU A 341 -4.42 -16.74 8.60
N ASN A 342 -4.07 -16.00 9.65
CA ASN A 342 -2.70 -15.98 10.11
C ASN A 342 -2.54 -16.65 11.48
N VAL A 343 -3.43 -16.30 12.41
CA VAL A 343 -3.40 -16.81 13.79
C VAL A 343 -4.80 -17.23 14.24
N GLN A 344 -4.87 -18.33 14.95
CA GLN A 344 -6.13 -18.78 15.48
C GLN A 344 -5.92 -19.68 16.67
N ALA A 345 -6.74 -19.48 17.68
CA ALA A 345 -6.70 -20.33 18.86
C ALA A 345 -5.31 -20.48 19.45
N HIS A 346 -4.51 -19.42 19.42
CA HIS A 346 -3.17 -19.45 19.98
C HIS A 346 -2.13 -20.07 19.05
N ARG A 347 -2.57 -20.59 17.91
CA ARG A 347 -1.62 -21.17 16.98
C ARG A 347 -1.32 -20.20 15.86
N LEU A 348 -0.10 -20.26 15.35
CA LEU A 348 0.32 -19.47 14.21
C LEU A 348 0.06 -20.37 12.97
N VAL A 349 -1.01 -20.07 12.23
CA VAL A 349 -1.41 -20.90 11.08
C VAL A 349 -0.80 -20.54 9.74
N HIS A 350 -0.31 -19.34 9.59
CA HIS A 350 0.21 -18.97 8.30
C HIS A 350 1.56 -19.49 7.88
N PRO A 351 1.53 -20.34 6.89
CA PRO A 351 2.72 -21.04 6.41
C PRO A 351 3.93 -20.17 6.19
N ALA A 352 3.70 -18.99 5.66
CA ALA A 352 4.82 -18.11 5.36
C ALA A 352 5.38 -17.47 6.60
N VAL A 353 4.53 -17.31 7.61
CA VAL A 353 4.94 -16.68 8.85
C VAL A 353 5.62 -17.71 9.74
N GLN A 354 5.18 -18.96 9.61
CA GLN A 354 5.79 -20.04 10.36
C GLN A 354 7.24 -20.07 9.93
N GLN A 355 7.42 -20.15 8.63
CA GLN A 355 8.73 -20.15 8.02
C GLN A 355 9.65 -19.06 8.58
N VAL A 356 9.04 -18.02 9.13
CA VAL A 356 9.79 -16.90 9.65
C VAL A 356 10.07 -17.10 11.13
N PHE A 357 9.10 -17.67 11.82
CA PHE A 357 9.20 -17.92 13.24
C PHE A 357 8.98 -19.39 13.42
N PRO A 358 9.85 -20.19 12.78
CA PRO A 358 9.78 -21.65 12.81
C PRO A 358 9.60 -22.25 14.21
N ASP A 359 10.00 -21.50 15.21
CA ASP A 359 9.88 -21.94 16.60
C ASP A 359 8.62 -21.41 17.18
N LEU A 360 7.85 -20.74 16.37
CA LEU A 360 6.60 -20.20 16.83
C LEU A 360 5.52 -21.15 16.41
N ALA A 361 5.87 -22.02 15.47
CA ALA A 361 4.93 -23.00 14.90
C ALA A 361 4.63 -24.25 15.75
C PYR B . -0.94 -0.38 3.72
O PYR B . -1.44 0.53 2.65
OXT PYR B . -0.91 0.17 5.21
CA PYR B . -0.41 -1.77 3.46
O3 PYR B . 0.08 -2.43 4.38
CB PYR B . -0.39 -2.28 2.08
#